data_3C8O
#
_entry.id   3C8O
#
_cell.length_a   98.679
_cell.length_b   98.679
_cell.length_c   180.260
_cell.angle_alpha   90.00
_cell.angle_beta   90.00
_cell.angle_gamma   120.00
#
_symmetry.space_group_name_H-M   'P 63 2 2'
#
loop_
_entity.id
_entity.type
_entity.pdbx_description
1 polymer 'Regulator of ribonuclease activity A'
2 non-polymer 1,2-ETHANEDIOL
3 non-polymer 'TRIETHYLENE GLYCOL'
4 non-polymer DI(HYDROXYETHYL)ETHER
5 non-polymer 'TETRAETHYLENE GLYCOL'
6 water water
#
_entity_poly.entity_id   1
_entity_poly.type   'polypeptide(L)'
_entity_poly.pdbx_seq_one_letter_code
;MHYVTPDLCDAYPELVQVVEPMFSNFGGRDSFGGEIVTIKCFEDNSLVKEQVDKDGKGKVLVVDGGGSLRRALLGDMLAE
KAAKNGWEGIVVYGCIRDVDVIAQTDLGVQALASHPLKTDKRGIGDLNVAVTFGGVTFRPGEFVYADNNGIIVSPQALKM
PE
;
_entity_poly.pdbx_strand_id   A,B
#
loop_
_chem_comp.id
_chem_comp.type
_chem_comp.name
_chem_comp.formula
EDO non-polymer 1,2-ETHANEDIOL 'C2 H6 O2'
PEG non-polymer DI(HYDROXYETHYL)ETHER 'C4 H10 O3'
PG4 non-polymer 'TETRAETHYLENE GLYCOL' 'C8 H18 O5'
PGE non-polymer 'TRIETHYLENE GLYCOL' 'C6 H14 O4'
#
# COMPACT_ATOMS: atom_id res chain seq x y z
N HIS A 2 -22.33 -10.24 7.54
CA HIS A 2 -23.39 -10.46 6.51
C HIS A 2 -24.65 -9.67 6.86
N TYR A 3 -25.02 -8.74 5.98
CA TYR A 3 -26.20 -7.91 6.17
C TYR A 3 -27.13 -8.03 4.98
N VAL A 4 -28.44 -7.97 5.24
CA VAL A 4 -29.45 -7.96 4.19
C VAL A 4 -30.30 -6.71 4.38
N THR A 5 -30.12 -5.73 3.49
CA THR A 5 -30.75 -4.42 3.64
C THR A 5 -32.30 -4.42 3.69
N PRO A 6 -32.96 -5.28 2.88
CA PRO A 6 -34.41 -5.45 3.01
C PRO A 6 -34.84 -5.87 4.42
N ASP A 7 -34.12 -6.82 5.02
CA ASP A 7 -34.39 -7.29 6.37
C ASP A 7 -34.23 -6.17 7.39
N LEU A 8 -33.22 -5.32 7.19
CA LEU A 8 -32.95 -4.21 8.09
C LEU A 8 -33.99 -3.10 7.95
N CYS A 9 -34.40 -2.82 6.72
CA CYS A 9 -35.49 -1.86 6.44
C CYS A 9 -36.82 -2.32 7.05
N ASP A 10 -37.11 -3.61 6.91
CA ASP A 10 -38.32 -4.21 7.47
C ASP A 10 -38.34 -4.16 9.01
N ALA A 11 -37.20 -4.42 9.62
CA ALA A 11 -37.09 -4.50 11.08
C ALA A 11 -37.04 -3.14 11.75
N TYR A 12 -36.42 -2.16 11.09
CA TYR A 12 -36.20 -0.84 11.69
C TYR A 12 -36.70 0.30 10.80
N PRO A 13 -38.01 0.34 10.51
CA PRO A 13 -38.53 1.33 9.56
C PRO A 13 -38.38 2.79 10.03
N GLU A 14 -38.36 3.00 11.35
CA GLU A 14 -38.24 4.35 11.91
C GLU A 14 -36.81 4.85 11.99
N LEU A 15 -35.83 3.98 11.72
CA LEU A 15 -34.42 4.35 11.85
C LEU A 15 -33.67 4.48 10.52
N VAL A 16 -34.15 3.80 9.48
CA VAL A 16 -33.39 3.70 8.23
C VAL A 16 -33.69 4.80 7.21
N GLN A 17 -32.63 5.20 6.49
CA GLN A 17 -32.75 5.99 5.27
C GLN A 17 -32.08 5.20 4.17
N VAL A 18 -32.69 5.16 2.99
CA VAL A 18 -32.08 4.45 1.87
C VAL A 18 -31.41 5.43 0.91
N VAL A 19 -30.14 5.16 0.62
CA VAL A 19 -29.37 5.92 -0.36
C VAL A 19 -30.00 5.74 -1.74
N GLU A 20 -30.05 6.82 -2.52
CA GLU A 20 -30.55 6.77 -3.89
C GLU A 20 -29.80 5.69 -4.67
N PRO A 21 -30.54 4.83 -5.41
CA PRO A 21 -29.92 3.70 -6.11
C PRO A 21 -29.04 4.14 -7.28
N MET A 22 -27.76 4.39 -7.00
CA MET A 22 -26.80 4.78 -8.05
C MET A 22 -25.46 4.06 -7.92
N PHE A 23 -25.30 3.30 -6.84
CA PHE A 23 -24.03 2.63 -6.55
C PHE A 23 -24.00 1.18 -7.00
N SER A 24 -22.80 0.69 -7.29
CA SER A 24 -22.58 -0.69 -7.70
C SER A 24 -21.61 -1.39 -6.76
N ASN A 25 -21.80 -2.70 -6.59
CA ASN A 25 -20.90 -3.54 -5.80
C ASN A 25 -19.68 -3.97 -6.60
N PHE A 26 -18.50 -3.83 -5.99
CA PHE A 26 -17.25 -4.16 -6.66
C PHE A 26 -16.38 -5.14 -5.86
N GLY A 27 -16.59 -5.21 -4.55
CA GLY A 27 -15.70 -5.99 -3.67
C GLY A 27 -16.03 -7.48 -3.59
N GLY A 28 -15.12 -8.23 -2.95
CA GLY A 28 -15.31 -9.67 -2.73
C GLY A 28 -16.41 -10.00 -1.75
N ARG A 29 -16.67 -9.08 -0.82
CA ARG A 29 -17.81 -9.17 0.06
C ARG A 29 -18.93 -8.31 -0.51
N ASP A 30 -20.05 -8.93 -0.90
CA ASP A 30 -21.16 -8.14 -1.45
C ASP A 30 -22.06 -7.52 -0.39
N SER A 31 -21.87 -7.90 0.88
CA SER A 31 -22.57 -7.26 1.99
C SER A 31 -21.61 -6.88 3.12
N PHE A 32 -21.83 -5.69 3.69
CA PHE A 32 -20.99 -5.16 4.75
C PHE A 32 -21.71 -4.03 5.48
N GLY A 33 -21.25 -3.72 6.68
CA GLY A 33 -21.82 -2.65 7.48
C GLY A 33 -21.00 -2.32 8.71
N GLY A 34 -21.26 -1.16 9.30
CA GLY A 34 -20.55 -0.74 10.50
C GLY A 34 -20.61 0.75 10.75
N GLU A 35 -19.74 1.22 11.64
CA GLU A 35 -19.69 2.62 12.04
C GLU A 35 -19.06 3.48 10.95
N ILE A 36 -19.68 4.62 10.67
CA ILE A 36 -19.23 5.53 9.62
C ILE A 36 -18.03 6.35 10.06
N VAL A 37 -16.99 6.32 9.25
CA VAL A 37 -15.97 7.38 9.24
C VAL A 37 -15.96 7.99 7.84
N THR A 38 -15.91 9.32 7.78
CA THR A 38 -16.07 10.03 6.51
C THR A 38 -14.80 10.70 6.01
N ILE A 39 -14.75 10.86 4.69
CA ILE A 39 -13.74 11.68 4.04
C ILE A 39 -14.44 12.57 3.02
N LYS A 40 -14.15 13.87 3.07
CA LYS A 40 -14.54 14.76 1.97
C LYS A 40 -13.29 15.12 1.19
N CYS A 41 -13.30 14.81 -0.11
CA CYS A 41 -12.18 15.06 -1.00
C CYS A 41 -12.67 15.27 -2.42
N PHE A 42 -11.74 15.62 -3.32
CA PHE A 42 -12.05 15.68 -4.75
C PHE A 42 -10.81 15.46 -5.58
N GLU A 43 -10.82 14.37 -6.35
CA GLU A 43 -9.73 14.02 -7.26
C GLU A 43 -8.38 14.11 -6.55
N ASP A 44 -8.37 13.65 -5.31
CA ASP A 44 -7.21 13.56 -4.44
C ASP A 44 -7.55 12.56 -3.34
N ASN A 45 -6.90 11.39 -3.38
CA ASN A 45 -7.21 10.33 -2.41
C ASN A 45 -6.19 10.23 -1.25
N SER A 46 -5.53 11.35 -0.96
CA SER A 46 -4.55 11.42 0.13
C SER A 46 -5.08 10.85 1.45
N LEU A 47 -6.29 11.27 1.83
CA LEU A 47 -6.89 10.86 3.10
C LEU A 47 -7.41 9.41 3.08
N VAL A 48 -7.82 8.94 1.90
CA VAL A 48 -8.24 7.55 1.74
C VAL A 48 -7.09 6.63 2.15
N LYS A 49 -5.91 6.88 1.59
CA LYS A 49 -4.70 6.13 1.93
C LYS A 49 -4.38 6.18 3.43
N GLU A 50 -4.52 7.38 4.02
CA GLU A 50 -4.30 7.58 5.46
C GLU A 50 -5.18 6.67 6.32
N GLN A 51 -6.44 6.55 5.95
CA GLN A 51 -7.45 5.87 6.76
C GLN A 51 -7.40 4.35 6.65
N VAL A 52 -7.19 3.83 5.44
CA VAL A 52 -7.09 2.38 5.23
C VAL A 52 -5.85 1.79 5.91
N ASP A 53 -4.91 2.66 6.29
CA ASP A 53 -3.73 2.29 7.07
C ASP A 53 -4.03 2.07 8.55
N LYS A 54 -5.21 2.51 8.99
CA LYS A 54 -5.59 2.42 10.40
C LYS A 54 -6.51 1.23 10.64
N ASP A 55 -6.62 0.82 11.91
CA ASP A 55 -7.53 -0.23 12.34
C ASP A 55 -8.97 0.19 12.02
N GLY A 56 -9.64 -0.62 11.20
CA GLY A 56 -10.99 -0.29 10.74
C GLY A 56 -12.04 -1.32 11.12
N LYS A 57 -11.74 -2.14 12.13
CA LYS A 57 -12.68 -3.16 12.61
C LYS A 57 -14.02 -2.55 12.99
N GLY A 58 -15.09 -3.09 12.41
CA GLY A 58 -16.45 -2.63 12.67
C GLY A 58 -16.80 -1.28 12.06
N LYS A 59 -15.97 -0.82 11.11
CA LYS A 59 -16.14 0.50 10.52
C LYS A 59 -16.22 0.48 9.00
N VAL A 60 -16.93 1.45 8.44
CA VAL A 60 -17.05 1.63 6.99
C VAL A 60 -16.56 3.03 6.60
N LEU A 61 -15.64 3.08 5.65
CA LEU A 61 -15.11 4.35 5.17
C LEU A 61 -16.02 4.91 4.08
N VAL A 62 -16.62 6.06 4.36
CA VAL A 62 -17.52 6.72 3.41
C VAL A 62 -16.80 7.91 2.79
N VAL A 63 -16.50 7.79 1.50
CA VAL A 63 -15.68 8.77 0.79
C VAL A 63 -16.55 9.64 -0.15
N ASP A 64 -16.74 10.89 0.24
CA ASP A 64 -17.36 11.88 -0.64
C ASP A 64 -16.27 12.44 -1.54
N GLY A 65 -16.18 11.89 -2.76
CA GLY A 65 -15.24 12.38 -3.76
C GLY A 65 -15.90 13.30 -4.77
N GLY A 66 -17.02 13.90 -4.38
CA GLY A 66 -17.75 14.82 -5.24
C GLY A 66 -18.38 14.18 -6.48
N GLY A 67 -18.39 12.85 -6.51
CA GLY A 67 -18.97 12.11 -7.63
C GLY A 67 -18.19 12.19 -8.93
N SER A 68 -16.90 12.53 -8.85
CA SER A 68 -16.06 12.68 -10.03
C SER A 68 -15.97 11.39 -10.84
N LEU A 69 -16.24 11.50 -12.13
CA LEU A 69 -16.06 10.41 -13.08
C LEU A 69 -14.82 10.65 -13.93
N ARG A 70 -13.82 11.33 -13.35
CA ARG A 70 -12.59 11.69 -14.07
C ARG A 70 -11.34 11.05 -13.45
N ARG A 71 -11.47 10.52 -12.24
CA ARG A 71 -10.35 9.93 -11.52
C ARG A 71 -10.82 8.84 -10.55
N ALA A 72 -9.93 7.88 -10.28
CA ALA A 72 -10.18 6.83 -9.29
C ALA A 72 -9.62 7.22 -7.93
N LEU A 73 -10.36 6.89 -6.88
CA LEU A 73 -9.95 7.23 -5.50
C LEU A 73 -9.53 6.01 -4.69
N LEU A 74 -9.74 4.82 -5.25
CA LEU A 74 -9.37 3.57 -4.60
C LEU A 74 -8.93 2.57 -5.66
N GLY A 75 -7.86 1.84 -5.34
CA GLY A 75 -7.38 0.74 -6.18
C GLY A 75 -7.07 -0.48 -5.32
N ASP A 76 -6.43 -1.47 -5.94
CA ASP A 76 -6.17 -2.75 -5.27
C ASP A 76 -5.25 -2.66 -4.05
N MET A 77 -4.25 -1.79 -4.11
CA MET A 77 -3.30 -1.62 -3.02
C MET A 77 -3.99 -1.11 -1.74
N LEU A 78 -4.81 -0.07 -1.90
CA LEU A 78 -5.55 0.50 -0.78
C LEU A 78 -6.66 -0.42 -0.29
N ALA A 79 -7.29 -1.14 -1.23
CA ALA A 79 -8.30 -2.15 -0.89
C ALA A 79 -7.69 -3.30 -0.07
N GLU A 80 -6.48 -3.70 -0.43
CA GLU A 80 -5.77 -4.75 0.30
C GLU A 80 -5.44 -4.30 1.72
N LYS A 81 -4.94 -3.06 1.85
CA LYS A 81 -4.67 -2.45 3.15
C LYS A 81 -5.90 -2.47 4.05
N ALA A 82 -7.02 -1.99 3.50
CA ALA A 82 -8.30 -1.91 4.21
C ALA A 82 -8.76 -3.27 4.72
N ALA A 83 -8.68 -4.28 3.85
CA ALA A 83 -9.05 -5.65 4.20
C ALA A 83 -8.17 -6.21 5.32
N LYS A 84 -6.86 -6.03 5.19
CA LYS A 84 -5.90 -6.50 6.19
C LYS A 84 -6.07 -5.78 7.54
N ASN A 85 -6.44 -4.50 7.48
CA ASN A 85 -6.61 -3.69 8.69
C ASN A 85 -8.00 -3.75 9.31
N GLY A 86 -8.85 -4.63 8.77
CA GLY A 86 -10.12 -4.97 9.40
C GLY A 86 -11.34 -4.16 9.00
N TRP A 87 -11.17 -3.25 8.04
CA TRP A 87 -12.29 -2.44 7.54
C TRP A 87 -13.40 -3.33 6.97
N GLU A 88 -14.64 -3.01 7.33
CA GLU A 88 -15.80 -3.77 6.84
C GLU A 88 -16.02 -3.48 5.37
N GLY A 89 -15.88 -2.22 4.99
CA GLY A 89 -16.06 -1.83 3.59
C GLY A 89 -15.80 -0.36 3.34
N ILE A 90 -15.94 0.02 2.07
CA ILE A 90 -15.72 1.40 1.63
C ILE A 90 -16.82 1.77 0.63
N VAL A 91 -17.40 2.95 0.82
CA VAL A 91 -18.38 3.51 -0.11
C VAL A 91 -17.79 4.78 -0.74
N VAL A 92 -17.69 4.79 -2.06
CA VAL A 92 -17.04 5.88 -2.79
C VAL A 92 -18.02 6.63 -3.68
N TYR A 93 -18.34 7.87 -3.30
CA TYR A 93 -19.09 8.77 -4.17
C TYR A 93 -18.08 9.34 -5.17
N GLY A 94 -17.81 8.52 -6.19
CA GLY A 94 -16.71 8.73 -7.12
C GLY A 94 -16.36 7.39 -7.74
N CYS A 95 -15.13 7.27 -8.24
CA CYS A 95 -14.71 6.07 -8.95
C CYS A 95 -13.62 5.27 -8.24
N ILE A 96 -13.49 4.01 -8.64
CA ILE A 96 -12.43 3.13 -8.18
C ILE A 96 -11.75 2.51 -9.40
N ARG A 97 -10.67 1.77 -9.17
CA ARG A 97 -10.00 1.04 -10.25
C ARG A 97 -9.45 -0.30 -9.76
N ASP A 98 -8.84 -1.05 -10.67
CA ASP A 98 -8.37 -2.42 -10.43
C ASP A 98 -9.54 -3.34 -10.05
N VAL A 99 -10.63 -3.23 -10.80
CA VAL A 99 -11.88 -3.93 -10.48
C VAL A 99 -11.76 -5.46 -10.44
N ASP A 100 -10.85 -6.01 -11.24
CA ASP A 100 -10.66 -7.46 -11.29
C ASP A 100 -9.99 -7.99 -10.01
N VAL A 101 -9.10 -7.18 -9.44
CA VAL A 101 -8.43 -7.55 -8.19
C VAL A 101 -9.32 -7.27 -6.98
N ILE A 102 -10.00 -6.12 -7.00
CA ILE A 102 -10.92 -5.74 -5.93
C ILE A 102 -12.08 -6.74 -5.75
N ALA A 103 -12.52 -7.34 -6.86
CA ALA A 103 -13.57 -8.36 -6.86
C ALA A 103 -13.22 -9.65 -6.09
N GLN A 104 -11.92 -9.88 -5.88
CA GLN A 104 -11.46 -11.04 -5.10
C GLN A 104 -10.72 -10.62 -3.83
N THR A 105 -10.90 -9.37 -3.43
CA THR A 105 -10.37 -8.84 -2.17
C THR A 105 -11.44 -8.97 -1.09
N ASP A 106 -11.05 -9.43 0.09
CA ASP A 106 -11.98 -9.64 1.20
C ASP A 106 -12.40 -8.30 1.82
N LEU A 107 -13.18 -7.54 1.06
CA LEU A 107 -13.60 -6.20 1.45
C LEU A 107 -14.87 -5.81 0.71
N GLY A 108 -15.74 -5.07 1.38
CA GLY A 108 -16.91 -4.48 0.73
C GLY A 108 -16.53 -3.19 0.05
N VAL A 109 -16.86 -3.07 -1.24
CA VAL A 109 -16.61 -1.82 -1.97
C VAL A 109 -17.81 -1.48 -2.83
N GLN A 110 -18.39 -0.31 -2.61
CA GLN A 110 -19.41 0.23 -3.48
C GLN A 110 -18.99 1.59 -4.03
N ALA A 111 -19.21 1.80 -5.33
CA ALA A 111 -18.84 3.04 -5.98
C ALA A 111 -19.78 3.33 -7.14
N LEU A 112 -19.63 4.52 -7.74
CA LEU A 112 -20.42 4.91 -8.90
C LEU A 112 -19.98 4.16 -10.16
N ALA A 113 -18.67 4.06 -10.36
CA ALA A 113 -18.11 3.49 -11.57
C ALA A 113 -16.62 3.24 -11.39
N SER A 114 -16.01 2.61 -12.41
CA SER A 114 -14.57 2.48 -12.45
C SER A 114 -13.96 3.53 -13.38
N HIS A 115 -12.69 3.84 -13.13
CA HIS A 115 -11.93 4.79 -13.94
C HIS A 115 -10.46 4.49 -13.67
N PRO A 116 -9.67 4.25 -14.73
CA PRO A 116 -8.27 3.81 -14.55
C PRO A 116 -7.25 4.90 -14.13
N LEU A 117 -7.63 6.18 -14.19
CA LEU A 117 -6.68 7.26 -13.93
C LEU A 117 -6.59 7.64 -12.45
N LYS A 118 -5.39 7.51 -11.89
CA LYS A 118 -5.19 7.84 -10.47
C LYS A 118 -5.06 9.34 -10.23
N THR A 119 -5.24 9.75 -8.97
CA THR A 119 -5.17 11.16 -8.61
C THR A 119 -3.74 11.57 -8.23
N ASP A 120 -3.48 12.87 -8.23
CA ASP A 120 -2.27 13.42 -7.65
C ASP A 120 -2.54 13.70 -6.17
N LYS A 121 -1.74 13.09 -5.31
CA LYS A 121 -1.92 13.22 -3.86
C LYS A 121 -1.26 14.50 -3.34
N ARG A 122 -2.08 15.40 -2.78
CA ARG A 122 -1.59 16.69 -2.31
C ARG A 122 -2.00 17.01 -0.88
N GLY A 123 -2.48 16.00 -0.16
CA GLY A 123 -2.89 16.17 1.24
C GLY A 123 -4.16 16.96 1.44
N ILE A 124 -4.98 17.06 0.40
CA ILE A 124 -6.23 17.81 0.48
C ILE A 124 -7.40 16.89 0.81
N GLY A 125 -8.14 17.26 1.84
CA GLY A 125 -9.30 16.48 2.27
C GLY A 125 -9.67 16.71 3.72
N ASP A 126 -10.95 16.52 4.04
CA ASP A 126 -11.45 16.66 5.40
C ASP A 126 -11.84 15.31 5.97
N LEU A 127 -11.38 15.02 7.19
CA LEU A 127 -11.71 13.79 7.88
C LEU A 127 -12.83 14.00 8.90
N ASN A 128 -13.79 13.08 8.89
CA ASN A 128 -14.90 13.07 9.84
C ASN A 128 -15.71 14.36 9.93
N VAL A 129 -16.04 14.88 8.75
CA VAL A 129 -17.06 15.91 8.62
C VAL A 129 -18.30 15.22 8.04
N ALA A 130 -19.48 15.77 8.34
CA ALA A 130 -20.71 15.27 7.74
C ALA A 130 -20.61 15.46 6.23
N VAL A 131 -20.96 14.41 5.48
CA VAL A 131 -20.95 14.47 4.02
C VAL A 131 -22.30 14.06 3.45
N THR A 132 -22.73 14.76 2.39
CA THR A 132 -24.05 14.55 1.83
C THR A 132 -23.99 14.25 0.33
N PHE A 133 -24.47 13.05 -0.02
CA PHE A 133 -24.61 12.67 -1.43
C PHE A 133 -25.68 11.60 -1.61
N GLY A 134 -26.22 11.51 -2.81
CA GLY A 134 -27.26 10.54 -3.17
C GLY A 134 -28.45 10.55 -2.19
N GLY A 135 -28.86 11.77 -1.80
CA GLY A 135 -30.02 11.96 -0.92
C GLY A 135 -29.82 11.69 0.55
N VAL A 136 -28.59 11.37 0.95
CA VAL A 136 -28.30 10.97 2.34
C VAL A 136 -27.13 11.73 2.95
N THR A 137 -27.30 12.16 4.20
CA THR A 137 -26.21 12.75 4.99
C THR A 137 -25.53 11.68 5.85
N PHE A 138 -24.25 11.45 5.57
CA PHE A 138 -23.44 10.46 6.26
C PHE A 138 -22.67 11.14 7.40
N ARG A 139 -23.00 10.80 8.63
CA ARG A 139 -22.39 11.42 9.81
C ARG A 139 -21.46 10.44 10.52
N PRO A 140 -20.22 10.88 10.81
CA PRO A 140 -19.28 10.03 11.55
C PRO A 140 -19.88 9.59 12.87
N GLY A 141 -19.72 8.31 13.20
CA GLY A 141 -20.29 7.76 14.43
C GLY A 141 -21.66 7.13 14.24
N GLU A 142 -22.32 7.46 13.13
CA GLU A 142 -23.58 6.80 12.76
C GLU A 142 -23.25 5.55 11.94
N PHE A 143 -24.26 4.90 11.37
CA PHE A 143 -24.05 3.57 10.78
C PHE A 143 -24.55 3.42 9.35
N VAL A 144 -23.88 2.55 8.59
CA VAL A 144 -24.18 2.31 7.18
C VAL A 144 -24.12 0.81 6.88
N TYR A 145 -25.06 0.34 6.06
CA TYR A 145 -25.12 -1.07 5.69
C TYR A 145 -25.38 -1.19 4.20
N ALA A 146 -24.67 -2.11 3.56
CA ALA A 146 -24.73 -2.22 2.10
C ALA A 146 -24.74 -3.69 1.65
N ASP A 147 -25.52 -3.97 0.62
CA ASP A 147 -25.53 -5.27 -0.05
C ASP A 147 -25.89 -5.13 -1.53
N ASN A 148 -26.26 -6.23 -2.17
CA ASN A 148 -26.67 -6.23 -3.59
C ASN A 148 -27.99 -5.51 -3.86
N ASN A 149 -28.72 -5.15 -2.80
CA ASN A 149 -30.00 -4.45 -2.92
C ASN A 149 -29.87 -2.93 -2.87
N GLY A 150 -28.90 -2.45 -2.11
CA GLY A 150 -28.67 -1.02 -1.95
C GLY A 150 -27.85 -0.67 -0.72
N ILE A 151 -27.83 0.61 -0.39
CA ILE A 151 -27.12 1.12 0.78
C ILE A 151 -28.10 1.86 1.67
N ILE A 152 -28.02 1.60 2.98
CA ILE A 152 -28.89 2.26 3.96
C ILE A 152 -28.07 2.86 5.11
N VAL A 153 -28.61 3.90 5.75
CA VAL A 153 -27.98 4.49 6.92
C VAL A 153 -28.93 4.54 8.12
N SER A 154 -28.36 4.57 9.32
CA SER A 154 -29.10 4.62 10.57
C SER A 154 -28.27 5.36 11.62
N PRO A 155 -28.91 6.17 12.48
CA PRO A 155 -28.15 6.87 13.52
C PRO A 155 -27.69 5.94 14.63
N GLN A 156 -28.35 4.79 14.75
CA GLN A 156 -28.03 3.79 15.76
C GLN A 156 -27.62 2.47 15.10
N ALA A 157 -26.77 1.72 15.78
CA ALA A 157 -26.34 0.40 15.30
C ALA A 157 -27.54 -0.54 15.18
N LEU A 158 -27.61 -1.24 14.05
CA LEU A 158 -28.68 -2.18 13.79
C LEU A 158 -28.17 -3.61 13.86
N LYS A 159 -28.96 -4.49 14.46
CA LYS A 159 -28.66 -5.91 14.50
C LYS A 159 -29.50 -6.64 13.45
N MET A 160 -28.86 -7.53 12.70
CA MET A 160 -29.57 -8.40 11.76
C MET A 160 -30.57 -9.28 12.52
N PRO A 161 -31.81 -9.39 12.00
CA PRO A 161 -32.83 -10.29 12.54
C PRO A 161 -32.37 -11.74 12.64
N MET B 1 14.12 10.68 4.67
CA MET B 1 15.09 10.70 5.81
C MET B 1 16.45 10.18 5.37
N HIS B 2 17.48 10.98 5.59
CA HIS B 2 18.84 10.61 5.19
C HIS B 2 19.60 9.98 6.35
N TYR B 3 20.52 9.07 6.03
CA TYR B 3 21.29 8.36 7.04
C TYR B 3 22.79 8.45 6.78
N VAL B 4 23.55 8.58 7.85
CA VAL B 4 25.01 8.54 7.79
C VAL B 4 25.45 7.27 8.50
N THR B 5 25.95 6.32 7.72
CA THR B 5 26.18 4.97 8.18
C THR B 5 27.40 4.85 9.14
N PRO B 6 28.46 5.67 8.96
CA PRO B 6 29.48 5.77 10.02
C PRO B 6 28.94 6.28 11.36
N ASP B 7 28.01 7.24 11.33
CA ASP B 7 27.41 7.78 12.55
C ASP B 7 26.62 6.73 13.33
N LEU B 8 25.93 5.87 12.60
CA LEU B 8 25.12 4.81 13.21
C LEU B 8 25.98 3.70 13.83
N CYS B 9 27.08 3.37 13.15
CA CYS B 9 28.06 2.41 13.68
C CYS B 9 28.70 2.91 14.97
N ASP B 10 29.02 4.19 15.01
CA ASP B 10 29.63 4.82 16.19
C ASP B 10 28.67 4.86 17.38
N ALA B 11 27.39 5.09 17.11
CA ALA B 11 26.38 5.25 18.15
C ALA B 11 25.86 3.92 18.68
N TYR B 12 25.80 2.91 17.81
CA TYR B 12 25.24 1.60 18.19
C TYR B 12 26.18 0.43 17.85
N PRO B 13 27.40 0.41 18.42
CA PRO B 13 28.37 -0.62 18.04
C PRO B 13 27.97 -2.05 18.41
N GLU B 14 27.12 -2.20 19.42
CA GLU B 14 26.66 -3.51 19.88
C GLU B 14 25.44 -4.02 19.12
N LEU B 15 24.91 -3.19 18.21
CA LEU B 15 23.70 -3.53 17.47
C LEU B 15 23.94 -3.75 15.97
N VAL B 16 24.94 -3.07 15.42
CA VAL B 16 25.14 -3.07 13.98
C VAL B 16 26.03 -4.21 13.47
N GLN B 17 25.69 -4.71 12.29
CA GLN B 17 26.61 -5.53 11.51
C GLN B 17 26.73 -4.92 10.12
N VAL B 18 27.96 -4.85 9.62
CA VAL B 18 28.23 -4.23 8.32
C VAL B 18 28.32 -5.28 7.22
N VAL B 19 27.56 -5.05 6.16
CA VAL B 19 27.58 -5.88 4.96
C VAL B 19 28.96 -5.80 4.31
N GLU B 20 29.42 -6.92 3.76
CA GLU B 20 30.67 -6.94 3.00
C GLU B 20 30.66 -5.89 1.90
N PRO B 21 31.76 -5.11 1.77
CA PRO B 21 31.81 -4.05 0.77
C PRO B 21 31.85 -4.58 -0.67
N MET B 22 30.67 -4.77 -1.27
CA MET B 22 30.57 -5.25 -2.65
C MET B 22 29.47 -4.56 -3.46
N PHE B 23 28.66 -3.77 -2.79
CA PHE B 23 27.51 -3.11 -3.43
C PHE B 23 27.84 -1.71 -3.92
N SER B 24 27.07 -1.23 -4.89
CA SER B 24 27.21 0.12 -5.44
C SER B 24 25.88 0.86 -5.39
N ASN B 25 25.94 2.18 -5.22
CA ASN B 25 24.77 3.06 -5.26
C ASN B 25 24.38 3.42 -6.69
N PHE B 26 23.11 3.24 -7.02
CA PHE B 26 22.59 3.52 -8.36
C PHE B 26 21.43 4.53 -8.38
N GLY B 27 20.78 4.70 -7.23
CA GLY B 27 19.56 5.51 -7.16
C GLY B 27 19.79 6.99 -6.95
N GLY B 28 18.72 7.78 -7.12
CA GLY B 28 18.78 9.23 -6.95
C GLY B 28 18.95 9.66 -5.50
N ARG B 29 18.57 8.80 -4.57
CA ARG B 29 18.84 9.01 -3.15
C ARG B 29 20.09 8.23 -2.76
N ASP B 30 21.11 8.94 -2.30
CA ASP B 30 22.39 8.34 -1.89
C ASP B 30 22.28 7.53 -0.62
N SER B 31 21.40 7.95 0.28
CA SER B 31 21.19 7.25 1.54
C SER B 31 19.72 6.95 1.81
N PHE B 32 19.49 5.82 2.49
CA PHE B 32 18.15 5.34 2.80
C PHE B 32 18.21 4.31 3.91
N GLY B 33 17.06 4.03 4.52
CA GLY B 33 16.99 3.07 5.61
C GLY B 33 15.57 2.80 6.05
N GLY B 34 15.38 1.66 6.72
CA GLY B 34 14.06 1.29 7.23
C GLY B 34 13.92 -0.17 7.53
N GLU B 35 12.67 -0.60 7.74
CA GLU B 35 12.35 -1.97 8.08
C GLU B 35 12.53 -2.91 6.88
N ILE B 36 13.15 -4.05 7.14
CA ILE B 36 13.47 -5.02 6.11
C ILE B 36 12.24 -5.83 5.66
N VAL B 37 12.04 -5.89 4.34
CA VAL B 37 11.21 -6.91 3.73
C VAL B 37 12.04 -7.64 2.67
N THR B 38 11.98 -8.97 2.69
CA THR B 38 12.88 -9.77 1.87
C THR B 38 12.20 -10.51 0.73
N ILE B 39 12.98 -10.72 -0.33
CA ILE B 39 12.62 -11.62 -1.41
C ILE B 39 13.79 -12.56 -1.63
N LYS B 40 13.49 -13.86 -1.71
CA LYS B 40 14.47 -14.82 -2.22
C LYS B 40 14.02 -15.28 -3.60
N CYS B 41 14.87 -15.03 -4.59
CA CYS B 41 14.56 -15.37 -5.98
C CYS B 41 15.84 -15.67 -6.75
N PHE B 42 15.69 -16.09 -8.01
CA PHE B 42 16.83 -16.23 -8.90
C PHE B 42 16.42 -16.09 -10.35
N GLU B 43 16.94 -15.05 -10.98
CA GLU B 43 16.71 -14.77 -12.40
C GLU B 43 15.21 -14.84 -12.74
N ASP B 44 14.41 -14.32 -11.80
CA ASP B 44 12.98 -14.21 -11.89
C ASP B 44 12.56 -13.13 -10.89
N ASN B 45 12.12 -11.98 -11.39
CA ASN B 45 11.79 -10.85 -10.52
C ASN B 45 10.29 -10.67 -10.27
N SER B 46 9.53 -11.76 -10.42
CA SER B 46 8.08 -11.76 -10.20
C SER B 46 7.68 -11.09 -8.90
N LEU B 47 8.35 -11.46 -7.81
CA LEU B 47 8.04 -10.91 -6.49
C LEU B 47 8.51 -9.46 -6.32
N VAL B 48 9.57 -9.09 -7.03
CA VAL B 48 10.02 -7.70 -7.06
C VAL B 48 8.93 -6.81 -7.66
N LYS B 49 8.36 -7.26 -8.77
CA LYS B 49 7.22 -6.60 -9.43
C LYS B 49 6.04 -6.45 -8.47
N GLU B 50 5.75 -7.50 -7.72
CA GLU B 50 4.62 -7.51 -6.78
C GLU B 50 4.84 -6.55 -5.62
N GLN B 51 6.05 -6.55 -5.05
CA GLN B 51 6.34 -5.78 -3.85
C GLN B 51 6.44 -4.28 -4.06
N VAL B 52 6.98 -3.85 -5.20
CA VAL B 52 7.08 -2.42 -5.51
C VAL B 52 5.70 -1.79 -5.73
N ASP B 53 4.69 -2.64 -5.95
CA ASP B 53 3.30 -2.22 -6.08
C ASP B 53 2.61 -2.03 -4.72
N LYS B 54 3.26 -2.48 -3.66
CA LYS B 54 2.75 -2.30 -2.29
C LYS B 54 3.29 -1.01 -1.69
N ASP B 55 2.61 -0.51 -0.64
CA ASP B 55 3.10 0.64 0.12
C ASP B 55 4.41 0.27 0.81
N GLY B 56 5.45 1.05 0.55
CA GLY B 56 6.78 0.78 1.08
C GLY B 56 7.33 1.82 2.03
N LYS B 57 6.46 2.71 2.50
CA LYS B 57 6.86 3.77 3.44
C LYS B 57 7.56 3.17 4.66
N GLY B 58 8.77 3.67 4.94
CA GLY B 58 9.56 3.20 6.08
C GLY B 58 10.17 1.82 5.90
N LYS B 59 10.10 1.29 4.68
CA LYS B 59 10.60 -0.06 4.40
C LYS B 59 11.67 -0.09 3.31
N VAL B 60 12.56 -1.08 3.41
CA VAL B 60 13.56 -1.34 2.38
C VAL B 60 13.39 -2.77 1.86
N LEU B 61 13.31 -2.89 0.54
CA LEU B 61 13.19 -4.19 -0.11
C LEU B 61 14.56 -4.82 -0.31
N VAL B 62 14.81 -5.93 0.41
CA VAL B 62 16.08 -6.65 0.30
C VAL B 62 15.88 -7.88 -0.58
N VAL B 63 16.48 -7.83 -1.77
CA VAL B 63 16.29 -8.87 -2.77
C VAL B 63 17.51 -9.78 -2.88
N ASP B 64 17.36 -11.02 -2.40
CA ASP B 64 18.36 -12.06 -2.59
C ASP B 64 18.14 -12.70 -3.96
N GLY B 65 18.92 -12.24 -4.95
CA GLY B 65 18.83 -12.77 -6.30
C GLY B 65 19.94 -13.75 -6.63
N GLY B 66 20.53 -14.33 -5.58
CA GLY B 66 21.58 -15.32 -5.73
C GLY B 66 22.88 -14.76 -6.29
N GLY B 67 22.96 -13.44 -6.39
CA GLY B 67 24.15 -12.75 -6.90
C GLY B 67 24.35 -12.86 -8.39
N SER B 68 23.30 -13.27 -9.11
CA SER B 68 23.39 -13.51 -10.55
C SER B 68 23.89 -12.28 -11.32
N LEU B 69 24.89 -12.50 -12.16
CA LEU B 69 25.40 -11.48 -13.05
C LEU B 69 24.98 -11.76 -14.49
N ARG B 70 23.81 -12.38 -14.65
CA ARG B 70 23.29 -12.77 -15.96
C ARG B 70 21.97 -12.09 -16.33
N ARG B 71 21.25 -11.57 -15.33
CA ARG B 71 19.96 -10.92 -15.55
C ARG B 71 19.75 -9.74 -14.59
N ALA B 72 18.93 -8.78 -15.02
CA ALA B 72 18.50 -7.67 -14.18
C ALA B 72 17.21 -8.03 -13.43
N LEU B 73 17.11 -7.60 -12.18
CA LEU B 73 15.93 -7.85 -11.36
C LEU B 73 15.10 -6.60 -11.10
N LEU B 74 15.64 -5.44 -11.50
CA LEU B 74 14.97 -4.16 -11.35
C LEU B 74 15.35 -3.24 -12.50
N GLY B 75 14.36 -2.51 -13.00
CA GLY B 75 14.57 -1.49 -14.04
C GLY B 75 13.86 -0.19 -13.69
N ASP B 76 13.74 0.71 -14.66
CA ASP B 76 13.17 2.03 -14.41
C ASP B 76 11.69 2.03 -14.00
N MET B 77 10.89 1.17 -14.64
CA MET B 77 9.46 1.07 -14.35
C MET B 77 9.19 0.64 -12.91
N LEU B 78 9.90 -0.40 -12.47
CA LEU B 78 9.74 -0.90 -11.11
C LEU B 78 10.32 0.05 -10.06
N ALA B 79 11.43 0.71 -10.42
CA ALA B 79 12.04 1.71 -9.55
C ALA B 79 11.12 2.91 -9.32
N GLU B 80 10.48 3.38 -10.39
CA GLU B 80 9.55 4.50 -10.31
C GLU B 80 8.31 4.13 -9.50
N LYS B 81 7.80 2.91 -9.72
CA LYS B 81 6.68 2.37 -8.95
C LYS B 81 7.00 2.35 -7.46
N ALA B 82 8.20 1.86 -7.11
CA ALA B 82 8.67 1.82 -5.74
C ALA B 82 8.78 3.22 -5.12
N ALA B 83 9.34 4.16 -5.88
CA ALA B 83 9.49 5.55 -5.45
C ALA B 83 8.15 6.21 -5.13
N LYS B 84 7.19 6.03 -6.04
CA LYS B 84 5.83 6.59 -5.87
C LYS B 84 5.11 5.95 -4.68
N ASN B 85 5.37 4.66 -4.46
CA ASN B 85 4.73 3.92 -3.36
C ASN B 85 5.44 4.06 -2.01
N GLY B 86 6.43 4.94 -1.94
CA GLY B 86 7.04 5.34 -0.68
C GLY B 86 8.21 4.52 -0.18
N TRP B 87 8.63 3.52 -0.97
CA TRP B 87 9.77 2.69 -0.62
C TRP B 87 11.01 3.54 -0.36
N GLU B 88 11.67 3.28 0.77
CA GLU B 88 12.89 4.01 1.13
C GLU B 88 14.00 3.63 0.17
N GLY B 89 14.12 2.33 -0.11
CA GLY B 89 15.11 1.84 -1.06
C GLY B 89 15.02 0.36 -1.35
N ILE B 90 15.90 -0.10 -2.23
CA ILE B 90 15.97 -1.49 -2.63
C ILE B 90 17.44 -1.92 -2.67
N VAL B 91 17.75 -3.04 -2.02
CA VAL B 91 19.08 -3.65 -2.07
C VAL B 91 18.98 -4.94 -2.85
N VAL B 92 19.78 -5.06 -3.91
CA VAL B 92 19.71 -6.22 -4.80
C VAL B 92 21.01 -7.00 -4.82
N TYR B 93 20.98 -8.21 -4.26
CA TYR B 93 22.08 -9.15 -4.40
C TYR B 93 21.95 -9.79 -5.77
N GLY B 94 22.41 -9.05 -6.78
CA GLY B 94 22.16 -9.35 -8.17
C GLY B 94 22.31 -8.06 -8.98
N CYS B 95 21.68 -8.00 -10.15
CA CYS B 95 21.85 -6.87 -11.05
C CYS B 95 20.56 -6.08 -11.27
N ILE B 96 20.74 -4.82 -11.71
CA ILE B 96 19.64 -3.96 -12.12
C ILE B 96 19.90 -3.45 -13.53
N ARG B 97 18.95 -2.70 -14.10
CA ARG B 97 19.15 -2.06 -15.40
C ARG B 97 18.45 -0.71 -15.46
N ASP B 98 18.60 -0.01 -16.59
CA ASP B 98 18.11 1.36 -16.77
C ASP B 98 18.77 2.32 -15.78
N VAL B 99 20.09 2.22 -15.65
CA VAL B 99 20.84 2.97 -14.64
C VAL B 99 20.78 4.50 -14.79
N ASP B 100 20.65 4.98 -16.02
CA ASP B 100 20.57 6.42 -16.27
C ASP B 100 19.26 7.04 -15.75
N VAL B 101 18.18 6.26 -15.80
CA VAL B 101 16.88 6.70 -15.29
C VAL B 101 16.79 6.48 -13.78
N ILE B 102 17.25 5.32 -13.32
CA ILE B 102 17.28 5.00 -11.88
C ILE B 102 18.09 6.03 -11.08
N ALA B 103 19.16 6.55 -11.69
CA ALA B 103 19.97 7.62 -11.11
C ALA B 103 19.18 8.92 -10.89
N GLN B 104 18.08 9.07 -11.62
CA GLN B 104 17.22 10.25 -11.53
C GLN B 104 15.92 9.97 -10.77
N THR B 105 15.77 8.74 -10.30
CA THR B 105 14.57 8.30 -9.57
C THR B 105 14.70 8.58 -8.07
N ASP B 106 13.62 9.07 -7.46
CA ASP B 106 13.61 9.37 -6.03
C ASP B 106 13.52 8.09 -5.19
N LEU B 107 14.61 7.33 -5.21
CA LEU B 107 14.66 6.02 -4.56
C LEU B 107 16.11 5.63 -4.32
N GLY B 108 16.37 5.00 -3.17
CA GLY B 108 17.68 4.40 -2.92
C GLY B 108 17.78 3.04 -3.58
N VAL B 109 18.86 2.82 -4.33
CA VAL B 109 19.09 1.52 -4.97
C VAL B 109 20.56 1.12 -4.83
N GLN B 110 20.80 -0.01 -4.16
CA GLN B 110 22.12 -0.60 -4.13
C GLN B 110 22.10 -1.99 -4.76
N ALA B 111 23.08 -2.26 -5.63
CA ALA B 111 23.17 -3.53 -6.34
C ALA B 111 24.63 -3.90 -6.62
N LEU B 112 24.85 -5.13 -7.08
CA LEU B 112 26.19 -5.59 -7.42
C LEU B 112 26.70 -4.95 -8.71
N ALA B 113 25.82 -4.87 -9.70
CA ALA B 113 26.18 -4.39 -11.03
C ALA B 113 24.93 -4.15 -11.85
N SER B 114 25.11 -3.63 -13.07
CA SER B 114 24.02 -3.53 -14.02
C SER B 114 24.14 -4.66 -15.05
N HIS B 115 22.99 -5.00 -15.65
CA HIS B 115 22.92 -6.01 -16.70
C HIS B 115 21.64 -5.73 -17.49
N PRO B 116 21.76 -5.60 -18.82
CA PRO B 116 20.61 -5.19 -19.65
C PRO B 116 19.52 -6.24 -19.87
N LEU B 117 19.83 -7.52 -19.64
CA LEU B 117 18.90 -8.59 -19.96
C LEU B 117 17.84 -8.80 -18.88
N LYS B 118 16.57 -8.64 -19.25
CA LYS B 118 15.50 -8.84 -18.29
C LYS B 118 15.19 -10.32 -18.07
N THR B 119 14.37 -10.57 -17.06
CA THR B 119 14.12 -11.89 -16.54
C THR B 119 12.79 -12.43 -17.08
N ASP B 120 12.65 -13.76 -17.16
CA ASP B 120 11.36 -14.38 -17.45
C ASP B 120 10.56 -14.51 -16.16
N LYS B 121 9.42 -13.83 -16.09
CA LYS B 121 8.58 -13.85 -14.90
C LYS B 121 7.72 -15.12 -14.85
N ARG B 122 7.99 -15.97 -13.87
CA ARG B 122 7.26 -17.24 -13.73
C ARG B 122 6.64 -17.46 -12.36
N GLY B 123 6.62 -16.40 -11.54
CA GLY B 123 6.03 -16.47 -10.21
C GLY B 123 6.83 -17.28 -9.21
N ILE B 124 8.14 -17.38 -9.44
CA ILE B 124 9.01 -18.12 -8.53
C ILE B 124 9.71 -17.16 -7.58
N GLY B 125 9.61 -17.46 -6.29
CA GLY B 125 10.25 -16.65 -5.26
C GLY B 125 9.55 -16.79 -3.92
N ASP B 126 10.30 -16.48 -2.86
CA ASP B 126 9.76 -16.51 -1.50
C ASP B 126 9.76 -15.11 -0.91
N LEU B 127 8.66 -14.75 -0.26
CA LEU B 127 8.54 -13.46 0.40
C LEU B 127 8.78 -13.59 1.90
N ASN B 128 9.57 -12.66 2.44
CA ASN B 128 9.80 -12.55 3.88
C ASN B 128 10.32 -13.80 4.57
N VAL B 129 11.29 -14.45 3.93
CA VAL B 129 12.11 -15.47 4.56
C VAL B 129 13.46 -14.83 4.89
N ALA B 130 14.16 -15.36 5.88
CA ALA B 130 15.52 -14.90 6.17
C ALA B 130 16.40 -15.17 4.95
N VAL B 131 17.16 -14.16 4.54
CA VAL B 131 18.09 -14.30 3.41
C VAL B 131 19.51 -13.91 3.84
N THR B 132 20.50 -14.65 3.32
CA THR B 132 21.88 -14.46 3.74
C THR B 132 22.81 -14.27 2.55
N PHE B 133 23.43 -13.09 2.50
CA PHE B 133 24.45 -12.79 1.50
C PHE B 133 25.40 -11.70 2.01
N GLY B 134 26.60 -11.65 1.42
CA GLY B 134 27.61 -10.66 1.77
C GLY B 134 27.89 -10.59 3.29
N GLY B 135 27.92 -11.76 3.91
CA GLY B 135 28.27 -11.90 5.33
C GLY B 135 27.21 -11.49 6.33
N VAL B 136 25.99 -11.26 5.85
CA VAL B 136 24.90 -10.76 6.69
C VAL B 136 23.58 -11.50 6.45
N THR B 137 22.88 -11.81 7.53
CA THR B 137 21.53 -12.39 7.44
C THR B 137 20.50 -11.28 7.61
N PHE B 138 19.70 -11.10 6.57
CA PHE B 138 18.66 -10.07 6.54
C PHE B 138 17.33 -10.71 6.94
N ARG B 139 16.76 -10.23 8.03
CA ARG B 139 15.53 -10.80 8.57
C ARG B 139 14.38 -9.80 8.46
N PRO B 140 13.21 -10.26 7.98
CA PRO B 140 12.02 -9.41 7.91
C PRO B 140 11.68 -8.85 9.28
N GLY B 141 11.40 -7.55 9.35
CA GLY B 141 11.09 -6.91 10.62
C GLY B 141 12.29 -6.26 11.29
N GLU B 142 13.49 -6.66 10.87
CA GLU B 142 14.71 -6.00 11.34
C GLU B 142 15.01 -4.79 10.45
N PHE B 143 16.17 -4.17 10.62
CA PHE B 143 16.40 -2.88 9.98
C PHE B 143 17.71 -2.79 9.18
N VAL B 144 17.65 -2.04 8.08
CA VAL B 144 18.80 -1.88 7.19
C VAL B 144 19.00 -0.41 6.84
N TYR B 145 20.25 0.02 6.77
CA TYR B 145 20.60 1.40 6.47
C TYR B 145 21.76 1.43 5.49
N ALA B 146 21.67 2.31 4.49
CA ALA B 146 22.64 2.32 3.41
C ALA B 146 22.94 3.73 2.93
N ASP B 147 24.22 3.97 2.63
CA ASP B 147 24.68 5.22 2.05
C ASP B 147 25.91 4.98 1.15
N ASN B 148 26.63 6.05 0.81
CA ASN B 148 27.84 5.96 -0.01
C ASN B 148 29.01 5.24 0.68
N ASN B 149 28.90 5.01 1.99
CA ASN B 149 29.94 4.30 2.74
C ASN B 149 29.75 2.79 2.79
N GLY B 150 28.49 2.34 2.78
CA GLY B 150 28.18 0.92 2.82
C GLY B 150 26.76 0.62 3.28
N ILE B 151 26.53 -0.64 3.64
CA ILE B 151 25.23 -1.09 4.11
C ILE B 151 25.39 -1.72 5.49
N ILE B 152 24.48 -1.38 6.40
CA ILE B 152 24.49 -1.94 7.74
C ILE B 152 23.12 -2.47 8.13
N VAL B 153 23.11 -3.43 9.05
CA VAL B 153 21.87 -4.03 9.55
C VAL B 153 21.83 -3.98 11.08
N SER B 154 20.64 -3.80 11.63
CA SER B 154 20.41 -3.81 13.07
C SER B 154 19.08 -4.51 13.37
N PRO B 155 19.01 -5.29 14.48
CA PRO B 155 17.76 -5.94 14.85
C PRO B 155 16.70 -4.96 15.36
N GLN B 156 17.12 -3.74 15.70
CA GLN B 156 16.23 -2.70 16.20
C GLN B 156 16.36 -1.42 15.37
N ALA B 157 15.29 -0.64 15.33
CA ALA B 157 15.29 0.65 14.64
C ALA B 157 16.30 1.60 15.27
N LEU B 158 17.11 2.24 14.43
CA LEU B 158 18.12 3.18 14.89
C LEU B 158 17.76 4.60 14.46
N LYS B 159 18.05 5.56 15.33
CA LYS B 159 17.88 6.96 14.98
C LYS B 159 19.23 7.69 14.91
N MET B 160 19.34 8.59 13.95
CA MET B 160 20.56 9.38 13.75
C MET B 160 20.91 10.18 15.00
N PRO B 161 22.20 10.15 15.41
CA PRO B 161 22.69 10.87 16.59
C PRO B 161 22.54 12.38 16.48
C1 EDO C . -23.18 6.66 -12.80
O1 EDO C . -24.04 5.78 -12.07
C2 EDO C . -22.16 5.84 -13.58
O2 EDO C . -21.94 6.44 -14.86
C1 EDO D . 0.57 10.39 0.73
O1 EDO D . 1.16 9.57 -0.29
C2 EDO D . -0.82 9.85 1.09
O2 EDO D . -1.00 9.93 2.51
C1 EDO E . -19.66 -9.68 9.96
O1 EDO E . -21.02 -9.29 9.79
C2 EDO E . -19.14 -10.28 8.65
O2 EDO E . -18.92 -11.69 8.83
C1 EDO F . -4.64 5.06 -6.04
O1 EDO F . -5.29 4.40 -4.95
C2 EDO F . -5.23 4.57 -7.35
O2 EDO F . -6.66 4.59 -7.26
C1 EDO G . -10.40 4.39 12.97
O1 EDO G . -9.50 4.87 13.97
C2 EDO G . -10.07 5.04 11.64
O2 EDO G . -10.40 6.44 11.70
C1 EDO H . -15.50 9.75 14.87
O1 EDO H . -14.50 10.16 15.80
C2 EDO H . -16.85 9.68 15.58
O2 EDO H . -17.36 11.00 15.78
C1 EDO I . -23.41 10.30 16.89
O1 EDO I . -22.01 10.04 17.03
C2 EDO I . -24.18 8.98 16.91
O2 EDO I . -25.58 9.25 16.79
C1 EDO J . -1.46 -3.89 4.54
O1 EDO J . -1.41 -4.01 5.96
C2 EDO J . -0.93 -5.17 3.89
O2 EDO J . -0.73 -4.96 2.49
C1 EDO K . -6.60 20.28 4.05
O1 EDO K . -7.64 19.62 3.33
C2 EDO K . -6.08 21.45 3.21
O2 EDO K . -7.18 22.32 2.90
C1 EDO L . -17.42 -9.86 -7.01
O1 EDO L . -17.11 -11.09 -7.67
C2 EDO L . -17.81 -8.81 -8.06
O2 EDO L . -18.55 -7.77 -7.42
C1 EDO M . -6.61 -10.89 -4.54
O1 EDO M . -5.97 -10.02 -3.59
C2 EDO M . -5.56 -11.58 -5.39
O2 EDO M . -5.61 -11.08 -6.73
C1 EDO N . 0.53 5.95 -4.58
O1 EDO N . 0.55 5.87 -3.14
C2 EDO N . 1.14 7.28 -5.01
O2 EDO N . 0.94 7.46 -6.42
C1 EDO O . -4.27 -2.57 13.13
O1 EDO O . -4.90 -3.72 12.56
C2 EDO O . -3.97 -1.54 12.05
O2 EDO O . -2.78 -0.81 12.38
C1 EDO P . -13.43 3.80 18.41
O1 EDO P . -13.71 2.40 18.53
C2 EDO P . -11.92 4.02 18.31
O2 EDO P . -11.64 4.83 17.16
C1 EDO Q . -23.52 11.14 -10.55
O1 EDO Q . -24.12 11.80 -9.43
C2 EDO Q . -22.05 11.53 -10.66
O2 EDO Q . -21.94 12.94 -10.90
C1 EDO R . -1.36 -2.21 -8.98
O1 EDO R . -2.08 -3.35 -9.48
C2 EDO R . -0.75 -1.44 -10.15
O2 EDO R . -0.11 -2.36 -11.05
C1 EDO S . -15.49 -9.06 8.59
O1 EDO S . -16.31 -8.90 9.75
C2 EDO S . -15.38 -10.54 8.24
O2 EDO S . -16.15 -10.82 7.08
C1 EDO T . -12.77 -13.61 -0.53
O1 EDO T . -13.83 -12.84 0.05
C2 EDO T . -12.64 -13.25 -2.01
O2 EDO T . -13.87 -13.51 -2.67
C1 EDO U . -15.96 -7.14 -12.37
O1 EDO U . -14.69 -7.81 -12.43
C2 EDO U . -16.22 -6.40 -13.67
O2 EDO U . -16.38 -5.01 -13.40
C1 EDO V . -39.88 3.94 6.14
O1 EDO V . -38.53 3.55 6.44
C2 EDO V . -40.78 2.71 6.22
O2 EDO V . -42.02 2.98 5.56
C1 EDO W . -11.80 19.63 8.92
O1 EDO W . -12.32 18.64 9.81
C2 EDO W . -12.87 20.68 8.63
O2 EDO W . -12.27 21.98 8.59
C1 PGE X . -37.74 8.32 8.06
O1 PGE X . -37.30 7.16 8.79
C2 PGE X . -36.56 8.92 7.30
O2 PGE X . -36.73 8.70 5.90
C3 PGE X . -36.09 9.70 5.12
C4 PGE X . -36.01 9.24 3.66
O4 PGE X . -33.15 9.64 -0.13
C6 PGE X . -33.18 9.44 1.29
C5 PGE X . -34.61 9.23 1.76
O3 PGE X . -34.69 9.43 3.17
C1 PEG Y . -29.93 8.22 9.47
O1 PEG Y . -28.84 9.08 9.80
C2 PEG Y . -31.23 8.88 9.94
O2 PEG Y . -32.34 8.01 9.76
C3 PEG Y . -33.58 8.69 9.95
C4 PEG Y . -34.25 8.19 11.22
O4 PEG Y . -33.86 9.02 12.32
C1 PEG Z . -1.89 13.10 3.34
O1 PEG Z . -2.65 13.91 4.24
C2 PEG Z . -0.58 13.80 2.99
O2 PEG Z . -0.27 13.55 1.62
C3 PEG Z . 0.97 14.14 1.25
C4 PEG Z . 1.12 14.11 -0.27
O4 PEG Z . 1.54 15.39 -0.73
C1 PEG AA . -17.59 14.62 -13.01
O1 PEG AA . -16.82 15.75 -12.57
C2 PEG AA . -16.80 13.91 -14.11
O2 PEG AA . -17.53 13.85 -15.33
C3 PEG AA . -16.95 14.69 -16.33
C4 PEG AA . -16.68 13.89 -17.60
O4 PEG AA . -15.42 14.29 -18.15
C1 PEG BA . -21.32 13.64 -15.24
O1 PEG BA . -20.64 14.60 -14.38
C2 PEG BA . -20.60 13.61 -16.59
O2 PEG BA . -20.92 12.38 -17.25
C3 PEG BA . -19.75 11.68 -17.69
C4 PEG BA . -20.16 10.57 -18.64
O4 PEG BA . -20.76 9.50 -17.91
C1 PEG CA . -7.53 20.04 -8.14
O1 PEG CA . -8.53 20.57 -7.26
C2 PEG CA . -7.46 18.52 -8.01
O2 PEG CA . -6.44 18.00 -8.87
C3 PEG CA . -6.87 16.85 -9.60
C4 PEG CA . -5.67 16.00 -10.01
O4 PEG CA . -5.82 14.67 -9.49
C1 PEG DA . -25.08 -2.95 -5.58
O1 PEG DA . -24.83 -3.57 -6.84
C2 PEG DA . -26.58 -2.74 -5.42
O2 PEG DA . -26.96 -1.51 -6.02
C3 PEG DA . -28.37 -1.30 -5.94
C4 PEG DA . -28.73 -0.03 -6.69
O4 PEG DA . -28.37 -0.17 -8.07
C1 PEG EA . -21.71 0.03 -13.64
O1 PEG EA . -21.32 1.40 -13.80
C2 PEG EA . -20.72 -0.67 -12.72
O2 PEG EA . -20.56 -2.03 -13.12
C3 PEG EA . -20.61 -2.92 -12.01
C4 PEG EA . -19.43 -3.88 -12.07
O4 PEG EA . -19.45 -4.73 -10.92
C1 EDO FA . 22.98 7.86 20.21
O1 EDO FA . 22.70 6.77 21.09
C2 EDO FA . 21.71 8.67 19.97
O2 EDO FA . 20.89 7.98 19.01
C1 EDO GA . 13.38 -5.44 -16.04
O1 EDO GA . 14.42 -5.27 -15.06
C2 EDO GA . 12.14 -5.98 -15.35
O2 EDO GA . 11.63 -4.99 -14.46
C1 EDO HA . 18.57 4.14 -18.80
O1 EDO HA . 19.78 3.44 -19.10
C2 EDO HA . 17.46 3.74 -19.76
O2 EDO HA . 17.46 2.32 -19.96
C1 EDO IA . 17.68 1.56 21.24
O1 EDO IA . 19.04 1.23 21.57
C2 EDO IA . 17.51 1.48 19.72
O2 EDO IA . 17.41 2.82 19.19
C1 EDO JA . 8.77 -20.58 2.93
O1 EDO JA . 10.04 -21.24 2.88
C2 EDO JA . 8.03 -20.80 1.63
O2 EDO JA . 7.89 -22.21 1.39
C1 EDO KA . 1.17 -10.32 -1.22
O1 EDO KA . -0.15 -9.97 -0.78
C2 EDO KA . 1.10 -10.85 -2.65
O2 EDO KA . 0.41 -9.91 -3.49
C1 EDO LA . 25.15 7.75 -6.68
O1 EDO LA . 23.93 7.39 -6.02
C2 EDO LA . 25.15 7.20 -8.11
O2 EDO LA . 24.00 7.72 -8.82
C1 EDO MA . 7.78 -8.72 9.34
O1 EDO MA . 7.94 -9.89 10.15
C2 EDO MA . 7.33 -9.13 7.94
O2 EDO MA . 5.90 -9.17 7.89
C1 EDO NA . 19.34 -18.67 5.85
O1 EDO NA . 19.26 -17.24 5.82
C2 EDO NA . 19.48 -19.20 4.43
O2 EDO NA . 20.52 -20.19 4.39
C1 EDO OA . 9.71 5.02 -16.30
O1 EDO OA . 10.96 5.72 -16.38
C2 EDO OA . 8.77 5.81 -15.40
O2 EDO OA . 7.43 5.32 -15.56
C1 EDO PA . 17.82 13.13 -7.33
O1 EDO PA . 18.49 12.91 -8.58
C2 EDO PA . 16.38 12.65 -7.45
O2 EDO PA . 15.75 12.73 -6.16
C1 EDO QA . 10.16 1.58 15.40
O1 EDO QA . 10.22 0.23 15.91
C2 EDO QA . 9.95 1.55 13.90
O2 EDO QA . 10.29 2.82 13.34
C1 EDO RA . 17.89 6.83 -22.25
O1 EDO RA . 16.73 6.51 -21.48
C2 EDO RA . 19.12 6.83 -21.35
O2 EDO RA . 20.10 5.94 -21.88
C1 EDO SA . 3.84 -11.97 -12.52
O1 EDO SA . 4.00 -11.74 -11.12
C2 EDO SA . 4.50 -13.30 -12.88
O2 EDO SA . 3.57 -14.37 -12.64
C1 EDO TA . 5.32 -2.72 10.97
O1 EDO TA . 5.97 -3.82 11.61
C2 EDO TA . 5.13 -3.04 9.49
O2 EDO TA . 4.08 -2.23 8.95
C1 EDO UA . 7.53 -6.91 -17.32
O1 EDO UA . 6.40 -7.07 -16.45
C2 EDO UA . 7.61 -8.09 -18.29
O2 EDO UA . 6.67 -7.89 -19.35
C1 EDO VA . 11.47 -21.67 -13.44
O1 EDO VA . 10.14 -21.71 -12.92
C2 EDO VA . 11.95 -23.10 -13.67
O2 EDO VA . 13.32 -23.06 -14.10
C1 EDO WA . 3.55 -4.25 2.43
O1 EDO WA . 3.47 -4.82 3.74
C2 EDO WA . 5.01 -4.12 2.03
O2 EDO WA . 5.58 -5.43 1.86
C1 EDO XA . 7.32 0.33 9.28
O1 EDO XA . 8.40 0.32 10.23
C2 EDO XA . 7.16 1.72 8.68
O2 EDO XA . 5.84 2.21 8.93
C1 EDO YA . 19.21 10.39 -18.29
O1 EDO YA . 18.21 10.65 -17.30
C2 EDO YA . 18.54 10.18 -19.65
O2 EDO YA . 17.52 9.18 -19.54
C1 PGE ZA . 1.70 4.53 -8.32
O1 PGE ZA . 0.86 3.49 -7.81
C2 PGE ZA . 2.81 3.92 -9.18
O2 PGE ZA . 3.08 4.78 -10.29
C3 PGE ZA . 4.30 4.43 -10.94
C4 PGE ZA . 4.05 4.22 -12.43
O4 PGE ZA . 2.45 0.57 -14.45
C6 PGE ZA . 3.69 1.25 -14.27
C5 PGE ZA . 3.70 1.92 -12.90
O3 PGE ZA . 4.64 3.00 -12.88
C1 PGE AB . 20.92 -9.15 18.67
O1 PGE AB . 21.20 -9.99 19.80
C2 PGE AB . 22.07 -8.16 18.48
O2 PGE AB . 22.82 -8.53 17.32
C3 PGE AB . 23.87 -7.61 17.05
C4 PGE AB . 24.24 -7.69 15.57
O4 PGE AB . 20.57 -8.77 12.98
C6 PGE AB . 21.74 -7.94 12.87
C5 PGE AB . 22.80 -8.43 13.84
O3 PGE AB . 23.10 -7.39 14.78
C1 PGE BB . 24.95 10.93 21.21
O1 PGE BB . 23.87 11.71 20.69
C2 PGE BB . 26.07 10.86 20.16
O2 PGE BB . 26.30 9.49 19.82
C3 PGE BB . 27.70 9.20 19.69
C4 PGE BB . 28.01 8.75 18.28
O4 PGE BB . 27.51 12.30 15.62
C6 PGE BB . 28.51 11.27 15.61
C5 PGE BB . 27.95 10.02 16.28
O3 PGE BB . 28.59 9.82 17.54
O1 PG4 CB . 28.72 3.81 -6.32
C1 PG4 CB . 28.66 4.79 -5.28
C2 PG4 CB . 29.26 4.24 -3.99
O2 PG4 CB . 28.78 2.92 -3.72
C3 PG4 CB . 27.95 2.82 -2.57
C4 PG4 CB . 28.76 2.40 -1.34
O3 PG4 CB . 29.46 1.17 -1.59
C5 PG4 CB . 30.53 0.98 -0.67
C6 PG4 CB . 31.20 -0.35 -0.95
O4 PG4 CB . 31.96 -0.28 -2.17
C7 PG4 CB . 32.45 -1.55 -2.57
C8 PG4 CB . 32.88 -1.49 -4.04
O5 PG4 CB . 33.88 -0.49 -4.20
C1 PEG DB . 15.33 -16.80 -17.09
O1 PEG DB . 15.24 -15.46 -16.59
C2 PEG DB . 16.11 -17.67 -16.10
O2 PEG DB . 15.29 -18.74 -15.64
C3 PEG DB . 15.45 -18.99 -14.25
C4 PEG DB . 15.51 -20.49 -13.99
O4 PEG DB . 16.20 -20.76 -12.76
C1 PEG EB . 31.06 -7.35 -7.06
O1 PEG EB . 32.05 -6.72 -6.24
C2 PEG EB . 30.90 -6.55 -8.36
O2 PEG EB . 30.49 -7.44 -9.40
C3 PEG EB . 30.96 -6.99 -10.67
C4 PEG EB . 31.74 -8.12 -11.34
O4 PEG EB . 32.89 -7.58 -12.01
C1 PEG FB . 28.90 -13.46 -8.79
O1 PEG FB . 28.38 -12.80 -7.63
C2 PEG FB . 27.99 -14.63 -9.17
O2 PEG FB . 27.70 -14.61 -10.57
C3 PEG FB . 26.55 -15.40 -10.88
C4 PEG FB . 26.36 -15.50 -12.38
O4 PEG FB . 26.00 -16.84 -12.74
C1 PEG GB . -3.38 -6.27 -3.91
O1 PEG GB . -3.48 -7.70 -3.87
C2 PEG GB . -2.69 -5.86 -5.20
O2 PEG GB . -1.47 -5.16 -4.91
C3 PEG GB . -0.63 -5.08 -6.06
C4 PEG GB . 0.53 -6.06 -5.95
O4 PEG GB . 0.35 -7.15 -6.86
#